data_7C45
#
_entry.id   7C45
#
_cell.length_a   44.449
_cell.length_b   65.843
_cell.length_c   99.914
_cell.angle_alpha   90.000
_cell.angle_beta   90.000
_cell.angle_gamma   90.000
#
_symmetry.space_group_name_H-M   'P 21 21 21'
#
loop_
_entity.id
_entity.type
_entity.pdbx_description
1 polymer 'CCHC-type domain-containing protein'
2 polymer "RNA (5'-R(*UP*UP*UP*UP*UP*UP*UP*UP*UP*U)-3')"
3 non-polymer 'ZINC ION'
4 non-polymer 'CALCIUM ION'
5 water water
#
loop_
_entity_poly.entity_id
_entity_poly.type
_entity_poly.pdbx_seq_one_letter_code
_entity_poly.pdbx_strand_id
1 'polypeptide(L)'
;TSSATSSSSMILKYPYRVVDTHEKLKEAVTSLQGARSIALDIEAFCTTDQAKQLGRISLVQACSDAKPVVFLFDVLTLTP
DVFVKDMQSLLSDREIRKLFFDCRRDVEALSCQLGVKPEGVLDLQVFFTAIQWKLRSVNRRSGMGYVLKSVAGLTRQEGD
SAVQTAMTLGNRPVWDIRPLPDHFLEYAAGDVRHILLLSNYLVGNKDVPVDVVAVERLTAQYVEHYAVGKPVITEADATP
AEVNRAWLERYIGPGGGCHFCGAKGHTEAECFKKQNGKAKCSFCGEVGHTARNCFKKHPQLL
;
A
2 'polyribonucleotide' UUUUUUUUUUUU D
#
# COMPACT_ATOMS: atom_id res chain seq x y z
N SER A 3 -14.88 -15.10 -4.60
CA SER A 3 -13.44 -15.22 -4.43
C SER A 3 -12.76 -13.88 -4.59
N ALA A 4 -11.48 -13.82 -4.16
CA ALA A 4 -10.73 -12.57 -4.28
C ALA A 4 -10.50 -12.20 -5.75
N THR A 5 -10.46 -13.19 -6.63
CA THR A 5 -10.17 -12.93 -8.04
C THR A 5 -11.36 -12.28 -8.74
N SER A 6 -12.56 -12.81 -8.51
CA SER A 6 -13.76 -12.22 -9.09
C SER A 6 -14.07 -10.87 -8.44
N SER A 7 -13.92 -10.78 -7.12
CA SER A 7 -14.08 -9.50 -6.42
C SER A 7 -13.13 -8.44 -6.95
N SER A 8 -11.97 -8.85 -7.46
CA SER A 8 -11.01 -7.86 -7.96
C SER A 8 -11.54 -7.15 -9.19
N SER A 9 -12.24 -7.87 -10.07
CA SER A 9 -12.73 -7.25 -11.29
C SER A 9 -13.76 -6.18 -10.98
N MET A 10 -14.60 -6.40 -9.97
CA MET A 10 -15.56 -5.38 -9.59
C MET A 10 -14.86 -4.13 -9.07
N ILE A 11 -13.90 -4.33 -8.16
CA ILE A 11 -13.22 -3.21 -7.53
C ILE A 11 -12.47 -2.38 -8.57
N LEU A 12 -11.87 -3.03 -9.57
CA LEU A 12 -11.12 -2.30 -10.58
C LEU A 12 -12.00 -1.41 -11.46
N LYS A 13 -13.31 -1.64 -11.48
CA LYS A 13 -14.23 -0.82 -12.24
C LYS A 13 -14.83 0.33 -11.42
N TYR A 14 -14.44 0.49 -10.16
CA TYR A 14 -14.98 1.54 -9.32
C TYR A 14 -14.63 2.92 -9.90
N PRO A 15 -15.61 3.75 -10.20
CA PRO A 15 -15.29 5.10 -10.66
C PRO A 15 -14.78 5.96 -9.51
N TYR A 16 -14.03 6.98 -9.85
CA TYR A 16 -13.67 7.98 -8.85
C TYR A 16 -14.72 9.09 -8.80
N ARG A 17 -14.75 9.76 -7.65
CA ARG A 17 -15.63 10.89 -7.41
C ARG A 17 -14.82 11.95 -6.68
N VAL A 18 -14.67 13.13 -7.30
CA VAL A 18 -13.92 14.22 -6.68
C VAL A 18 -14.75 14.82 -5.55
N VAL A 19 -14.17 14.94 -4.38
CA VAL A 19 -14.85 15.50 -3.22
C VAL A 19 -14.22 16.85 -2.97
N ASP A 20 -14.86 17.93 -3.45
CA ASP A 20 -14.23 19.23 -3.40
C ASP A 20 -15.17 20.34 -2.94
N THR A 21 -16.34 19.99 -2.43
CA THR A 21 -17.23 20.92 -1.76
C THR A 21 -17.66 20.35 -0.42
N HIS A 22 -18.13 21.25 0.44
CA HIS A 22 -18.64 20.83 1.73
C HIS A 22 -19.79 19.85 1.58
N GLU A 23 -20.69 20.09 0.62
CA GLU A 23 -21.79 19.15 0.40
C GLU A 23 -21.26 17.77 0.02
N LYS A 24 -20.32 17.72 -0.91
CA LYS A 24 -19.79 16.43 -1.32
C LYS A 24 -19.07 15.74 -0.17
N LEU A 25 -18.40 16.52 0.68
CA LEU A 25 -17.68 15.96 1.81
C LEU A 25 -18.60 15.30 2.83
N LYS A 26 -19.74 15.93 3.13
CA LYS A 26 -20.66 15.33 4.09
C LYS A 26 -21.14 13.97 3.60
N GLU A 27 -21.46 13.88 2.32
CA GLU A 27 -21.94 12.62 1.76
C GLU A 27 -20.85 11.55 1.82
N ALA A 28 -19.61 11.94 1.50
CA ALA A 28 -18.53 10.96 1.49
C ALA A 28 -18.25 10.45 2.89
N VAL A 29 -18.23 11.35 3.87
CA VAL A 29 -18.06 10.96 5.27
C VAL A 29 -19.14 9.99 5.71
N THR A 30 -20.40 10.31 5.42
CA THR A 30 -21.48 9.37 5.78
C THR A 30 -21.25 7.98 5.16
N SER A 31 -20.78 7.91 3.91
CA SER A 31 -20.50 6.61 3.31
C SER A 31 -19.40 5.87 4.07
N LEU A 32 -18.27 6.54 4.27
CA LEU A 32 -17.15 5.89 4.93
C LEU A 32 -17.49 5.51 6.35
N GLN A 33 -18.42 6.23 6.99
CA GLN A 33 -18.84 5.90 8.35
C GLN A 33 -19.42 4.51 8.46
N GLY A 34 -20.01 3.98 7.40
CA GLY A 34 -20.52 2.63 7.40
C GLY A 34 -19.55 1.56 6.95
N ALA A 35 -18.27 1.89 6.79
CA ALA A 35 -17.32 0.89 6.33
C ALA A 35 -16.75 0.07 7.48
N ARG A 36 -16.29 -1.13 7.13
CA ARG A 36 -15.43 -1.92 8.00
C ARG A 36 -13.96 -1.78 7.66
N SER A 37 -13.64 -1.55 6.38
CA SER A 37 -12.27 -1.31 5.94
C SER A 37 -12.25 -0.15 4.94
N ILE A 38 -11.26 0.73 5.08
CA ILE A 38 -11.09 1.88 4.18
C ILE A 38 -9.64 1.89 3.71
N ALA A 39 -9.44 1.69 2.41
CA ALA A 39 -8.13 1.85 1.80
C ALA A 39 -7.83 3.34 1.66
N LEU A 40 -6.64 3.75 2.09
CA LEU A 40 -6.25 5.16 2.05
C LEU A 40 -4.95 5.35 1.29
N ASP A 41 -4.80 6.55 0.73
CA ASP A 41 -3.62 6.95 -0.02
C ASP A 41 -3.59 8.47 0.01
N ILE A 42 -2.41 9.04 -0.22
CA ILE A 42 -2.28 10.50 -0.25
C ILE A 42 -1.42 10.90 -1.43
N GLU A 43 -1.86 11.93 -2.17
CA GLU A 43 -1.00 12.61 -3.14
C GLU A 43 -0.64 13.99 -2.61
N ALA A 44 0.66 14.32 -2.68
CA ALA A 44 1.14 15.58 -2.11
C ALA A 44 1.98 16.32 -3.14
N PHE A 45 2.11 17.63 -2.95
CA PHE A 45 3.02 18.41 -3.77
C PHE A 45 4.40 17.75 -3.80
N CYS A 46 4.95 17.57 -5.00
CA CYS A 46 6.32 17.09 -5.11
C CYS A 46 7.27 18.13 -4.53
N THR A 47 8.33 17.66 -3.88
CA THR A 47 9.34 18.56 -3.32
C THR A 47 10.70 18.25 -3.95
N THR A 48 11.77 18.46 -3.19
CA THR A 48 13.10 18.08 -3.65
C THR A 48 13.43 16.66 -3.19
N ASP A 49 14.49 16.09 -3.76
CA ASP A 49 14.92 14.75 -3.37
C ASP A 49 15.26 14.65 -1.90
N GLN A 50 15.92 15.68 -1.35
CA GLN A 50 16.47 15.58 0.00
C GLN A 50 15.37 15.50 1.06
N ALA A 51 14.27 16.22 0.88
CA ALA A 51 13.21 16.23 1.88
C ALA A 51 12.41 14.92 1.84
N LYS A 52 12.49 14.14 2.91
CA LYS A 52 11.76 12.88 2.97
C LYS A 52 10.27 13.08 3.23
N GLN A 53 9.90 14.12 3.99
CA GLN A 53 8.49 14.38 4.28
C GLN A 53 7.70 14.65 3.00
N LEU A 54 6.45 14.20 2.97
CA LEU A 54 5.58 14.58 1.86
C LEU A 54 5.44 16.10 1.84
N GLY A 55 5.29 16.64 0.64
CA GLY A 55 4.92 18.03 0.49
C GLY A 55 3.47 18.28 0.90
N ARG A 56 2.99 19.48 0.58
CA ARG A 56 1.66 19.89 0.98
C ARG A 56 0.63 18.90 0.47
N ILE A 57 -0.25 18.43 1.35
CA ILE A 57 -1.26 17.46 0.93
C ILE A 57 -2.14 18.07 -0.14
N SER A 58 -2.33 17.36 -1.25
CA SER A 58 -3.22 17.79 -2.31
C SER A 58 -4.52 16.98 -2.30
N LEU A 59 -4.40 15.67 -2.40
CA LEU A 59 -5.51 14.72 -2.36
C LEU A 59 -5.33 13.72 -1.23
N VAL A 60 -6.43 13.34 -0.58
CA VAL A 60 -6.50 12.10 0.19
C VAL A 60 -7.51 11.21 -0.50
N GLN A 61 -7.12 9.97 -0.80
CA GLN A 61 -7.96 9.05 -1.56
C GLN A 61 -8.47 7.95 -0.66
N ALA A 62 -9.73 7.54 -0.86
CA ALA A 62 -10.33 6.54 0.01
C ALA A 62 -11.21 5.60 -0.80
N CYS A 63 -11.15 4.32 -0.47
CA CYS A 63 -12.01 3.34 -1.11
C CYS A 63 -12.36 2.31 -0.06
N SER A 64 -13.66 2.16 0.23
CA SER A 64 -14.11 1.33 1.35
C SER A 64 -15.02 0.21 0.87
N ASP A 65 -15.29 -0.72 1.76
CA ASP A 65 -16.25 -1.78 1.47
C ASP A 65 -17.70 -1.31 1.56
N ALA A 66 -17.96 -0.04 1.89
CA ALA A 66 -19.33 0.46 2.01
C ALA A 66 -19.92 0.99 0.69
N LYS A 67 -19.10 1.12 -0.37
CA LYS A 67 -19.62 1.75 -1.57
C LYS A 67 -18.64 1.55 -2.72
N PRO A 68 -19.12 1.24 -3.92
CA PRO A 68 -18.23 0.95 -5.07
C PRO A 68 -17.75 2.22 -5.76
N VAL A 69 -16.98 3.04 -5.03
CA VAL A 69 -16.51 4.32 -5.53
C VAL A 69 -15.15 4.59 -4.90
N VAL A 70 -14.33 5.39 -5.58
CA VAL A 70 -13.10 5.93 -5.01
C VAL A 70 -13.33 7.41 -4.73
N PHE A 71 -13.26 7.80 -3.46
CA PHE A 71 -13.40 9.22 -3.14
C PHE A 71 -12.04 9.89 -3.31
N LEU A 72 -11.99 10.99 -4.05
CA LEU A 72 -10.78 11.79 -4.15
C LEU A 72 -11.03 13.06 -3.36
N PHE A 73 -10.53 13.13 -2.14
CA PHE A 73 -10.76 14.29 -1.31
C PHE A 73 -9.81 15.38 -1.73
N ASP A 74 -10.35 16.49 -2.24
CA ASP A 74 -9.52 17.62 -2.65
C ASP A 74 -9.26 18.47 -1.41
N VAL A 75 -8.26 18.04 -0.63
CA VAL A 75 -7.91 18.76 0.60
C VAL A 75 -7.42 20.17 0.29
N LEU A 76 -6.69 20.36 -0.82
CA LEU A 76 -6.21 21.69 -1.18
C LEU A 76 -7.38 22.65 -1.35
N THR A 77 -8.46 22.19 -2.00
CA THR A 77 -9.60 23.06 -2.23
C THR A 77 -10.46 23.19 -0.97
N LEU A 78 -10.79 22.06 -0.32
CA LEU A 78 -11.61 22.09 0.88
C LEU A 78 -10.97 22.89 2.02
N THR A 79 -9.63 22.83 2.12
CA THR A 79 -8.70 23.18 3.19
C THR A 79 -8.67 22.05 4.21
N PRO A 80 -7.48 21.79 4.78
CA PRO A 80 -7.39 20.85 5.89
C PRO A 80 -8.42 21.08 6.99
N ASP A 81 -8.65 22.33 7.39
CA ASP A 81 -9.58 22.57 8.48
C ASP A 81 -10.95 22.00 8.17
N VAL A 82 -11.44 22.21 6.95
CA VAL A 82 -12.77 21.71 6.60
C VAL A 82 -12.74 20.19 6.50
N PHE A 83 -11.74 19.66 5.81
CA PHE A 83 -11.66 18.21 5.57
C PHE A 83 -11.58 17.40 6.88
N VAL A 84 -10.77 17.85 7.83
CA VAL A 84 -10.55 17.04 9.03
C VAL A 84 -11.72 17.07 10.00
N LYS A 85 -12.63 18.04 9.89
CA LYS A 85 -13.71 18.25 10.84
C LYS A 85 -14.37 16.95 11.28
N ASP A 86 -14.97 16.22 10.36
CA ASP A 86 -15.55 14.92 10.69
C ASP A 86 -14.64 13.75 10.31
N MET A 87 -13.73 13.92 9.34
CA MET A 87 -12.88 12.79 8.98
C MET A 87 -11.99 12.34 10.12
N GLN A 88 -11.62 13.25 11.04
CA GLN A 88 -10.70 12.86 12.11
C GLN A 88 -11.30 11.77 12.99
N SER A 89 -12.61 11.81 13.21
CA SER A 89 -13.23 10.82 14.06
C SER A 89 -13.19 9.44 13.43
N LEU A 90 -13.45 9.37 12.14
CA LEU A 90 -13.36 8.11 11.43
C LEU A 90 -11.92 7.60 11.39
N LEU A 91 -10.96 8.49 11.12
CA LEU A 91 -9.58 8.03 11.07
C LEU A 91 -9.12 7.52 12.43
N SER A 92 -9.65 8.07 13.51
CA SER A 92 -9.28 7.70 14.87
C SER A 92 -10.03 6.49 15.42
N ASP A 93 -11.05 5.99 14.72
CA ASP A 93 -11.92 4.90 15.19
C ASP A 93 -11.24 3.56 14.98
N ARG A 94 -10.79 2.93 16.06
CA ARG A 94 -10.09 1.67 15.94
C ARG A 94 -10.97 0.55 15.35
N GLU A 95 -12.29 0.72 15.32
CA GLU A 95 -13.19 -0.30 14.82
C GLU A 95 -13.32 -0.31 13.31
N ILE A 96 -12.81 0.71 12.61
CA ILE A 96 -12.74 0.74 11.16
C ILE A 96 -11.28 0.57 10.77
N ARG A 97 -10.98 -0.49 10.04
CA ARG A 97 -9.60 -0.77 9.64
C ARG A 97 -9.22 0.17 8.49
N LYS A 98 -8.12 0.89 8.66
CA LYS A 98 -7.59 1.72 7.59
C LYS A 98 -6.44 0.94 6.95
N LEU A 99 -6.53 0.73 5.64
CA LEU A 99 -5.57 -0.03 4.85
C LEU A 99 -4.65 0.91 4.09
N PHE A 100 -3.34 0.71 4.25
CA PHE A 100 -2.34 1.53 3.57
C PHE A 100 -1.42 0.61 2.77
N PHE A 101 -0.68 1.21 1.85
CA PHE A 101 0.46 0.54 1.21
C PHE A 101 1.67 1.47 1.44
N ASP A 102 2.49 1.11 2.42
CA ASP A 102 3.51 1.95 3.03
C ASP A 102 2.86 3.17 3.66
N CYS A 103 2.57 3.09 4.96
CA CYS A 103 1.87 4.15 5.69
C CYS A 103 2.80 5.25 6.19
N ARG A 104 4.10 5.10 6.03
CA ARG A 104 5.02 5.88 6.86
C ARG A 104 4.91 7.38 6.55
N ARG A 105 5.17 7.75 5.30
CA ARG A 105 5.06 9.14 4.90
C ARG A 105 3.63 9.66 5.03
N ASP A 106 2.64 8.81 4.72
CA ASP A 106 1.24 9.23 4.81
C ASP A 106 0.87 9.62 6.23
N VAL A 107 1.25 8.77 7.19
CA VAL A 107 0.90 9.00 8.58
C VAL A 107 1.64 10.21 9.12
N GLU A 108 2.89 10.39 8.69
CA GLU A 108 3.62 11.59 9.04
C GLU A 108 2.90 12.83 8.55
N ALA A 109 2.39 12.79 7.32
CA ALA A 109 1.68 13.95 6.76
C ALA A 109 0.33 14.15 7.44
N LEU A 110 -0.37 13.07 7.74
CA LEU A 110 -1.63 13.20 8.46
C LEU A 110 -1.41 13.89 9.81
N SER A 111 -0.33 13.50 10.52
CA SER A 111 -0.11 14.06 11.85
C SER A 111 0.41 15.49 11.76
N CYS A 112 1.43 15.73 10.94
CA CYS A 112 2.05 17.05 10.83
C CYS A 112 1.10 18.07 10.24
N GLN A 113 0.46 17.72 9.14
CA GLN A 113 -0.33 18.67 8.39
C GLN A 113 -1.77 18.73 8.86
N LEU A 114 -2.36 17.60 9.27
CA LEU A 114 -3.78 17.59 9.62
C LEU A 114 -4.02 17.46 11.11
N GLY A 115 -3.00 17.10 11.89
CA GLY A 115 -3.16 16.87 13.31
C GLY A 115 -3.97 15.64 13.65
N VAL A 116 -3.95 14.63 12.78
CA VAL A 116 -4.73 13.42 12.95
C VAL A 116 -3.78 12.25 13.03
N LYS A 117 -4.05 11.33 13.94
CA LYS A 117 -3.32 10.08 14.09
C LYS A 117 -4.29 8.92 13.91
N PRO A 118 -4.22 8.18 12.80
CA PRO A 118 -5.19 7.11 12.57
C PRO A 118 -5.01 5.96 13.55
N GLU A 119 -6.10 5.23 13.78
CA GLU A 119 -6.04 4.07 14.65
C GLU A 119 -6.78 2.93 13.99
N GLY A 120 -6.30 1.70 14.19
CA GLY A 120 -6.82 0.56 13.47
C GLY A 120 -6.23 0.48 12.07
N VAL A 121 -4.92 0.50 11.96
CA VAL A 121 -4.25 0.63 10.67
C VAL A 121 -3.62 -0.72 10.31
N LEU A 122 -3.66 -1.05 9.03
CA LEU A 122 -3.01 -2.25 8.52
C LEU A 122 -2.27 -1.87 7.25
N ASP A 123 -0.94 -2.07 7.23
CA ASP A 123 -0.10 -1.68 6.11
C ASP A 123 0.15 -2.93 5.27
N LEU A 124 -0.43 -2.96 4.07
CA LEU A 124 -0.36 -4.20 3.29
C LEU A 124 1.03 -4.42 2.71
N GLN A 125 1.80 -3.36 2.49
CA GLN A 125 3.19 -3.57 2.09
C GLN A 125 3.94 -4.30 3.19
N VAL A 126 3.77 -3.84 4.43
CA VAL A 126 4.37 -4.53 5.58
C VAL A 126 3.87 -5.97 5.67
N PHE A 127 2.56 -6.18 5.46
CA PHE A 127 2.00 -7.55 5.43
C PHE A 127 2.79 -8.42 4.45
N PHE A 128 2.99 -7.93 3.23
CA PHE A 128 3.72 -8.72 2.24
C PHE A 128 5.15 -8.96 2.67
N THR A 129 5.82 -7.93 3.21
CA THR A 129 7.17 -8.13 3.71
C THR A 129 7.19 -9.17 4.84
N ALA A 130 6.21 -9.11 5.75
CA ALA A 130 6.21 -10.04 6.89
C ALA A 130 6.10 -11.47 6.42
N ILE A 131 5.38 -11.70 5.34
CA ILE A 131 5.29 -13.03 4.74
C ILE A 131 6.66 -13.46 4.23
N GLN A 132 7.32 -12.57 3.48
CA GLN A 132 8.67 -12.90 3.01
C GLN A 132 9.64 -13.11 4.15
N TRP A 133 9.47 -12.37 5.24
CA TRP A 133 10.31 -12.56 6.41
C TRP A 133 10.10 -13.93 7.02
N LYS A 134 8.84 -14.30 7.27
CA LYS A 134 8.56 -15.59 7.90
C LYS A 134 9.06 -16.75 7.05
N LEU A 135 8.92 -16.65 5.73
CA LEU A 135 9.31 -17.74 4.84
C LEU A 135 10.80 -17.71 4.48
N ARG A 136 11.42 -16.53 4.39
CA ARG A 136 12.73 -16.43 3.76
C ARG A 136 13.72 -15.51 4.47
N SER A 137 13.33 -14.86 5.57
CA SER A 137 14.18 -13.88 6.26
C SER A 137 14.51 -12.70 5.33
N VAL A 138 13.57 -12.37 4.46
CA VAL A 138 13.66 -11.22 3.58
C VAL A 138 12.85 -10.09 4.21
N ASN A 139 13.48 -8.91 4.35
CA ASN A 139 12.82 -7.73 4.91
C ASN A 139 12.64 -6.60 3.90
N ARG A 140 12.75 -6.89 2.61
CA ARG A 140 12.56 -5.89 1.57
C ARG A 140 11.12 -5.39 1.52
N ARG A 141 10.97 -4.09 1.29
CA ARG A 141 9.69 -3.50 0.92
C ARG A 141 9.57 -3.51 -0.60
N SER A 142 8.56 -4.18 -1.09
CA SER A 142 8.33 -4.23 -2.53
C SER A 142 7.30 -3.18 -2.93
N GLY A 143 7.44 -2.69 -4.15
CA GLY A 143 6.52 -1.70 -4.67
C GLY A 143 5.17 -2.32 -5.01
N MET A 144 4.20 -1.44 -5.23
CA MET A 144 2.83 -1.88 -5.49
C MET A 144 2.75 -2.81 -6.69
N GLY A 145 3.50 -2.52 -7.75
CA GLY A 145 3.40 -3.36 -8.94
C GLY A 145 3.82 -4.79 -8.68
N TYR A 146 4.95 -4.97 -7.99
CA TYR A 146 5.44 -6.30 -7.64
C TYR A 146 4.48 -7.02 -6.71
N VAL A 147 3.95 -6.32 -5.70
CA VAL A 147 3.04 -6.98 -4.79
C VAL A 147 1.76 -7.37 -5.50
N LEU A 148 1.26 -6.49 -6.36
CA LEU A 148 0.05 -6.81 -7.11
C LEU A 148 0.22 -8.10 -7.92
N LYS A 149 1.36 -8.23 -8.61
CA LYS A 149 1.60 -9.38 -9.46
C LYS A 149 1.77 -10.66 -8.63
N SER A 150 2.55 -10.58 -7.57
CA SER A 150 2.80 -11.77 -6.77
C SER A 150 1.56 -12.20 -6.00
N VAL A 151 0.76 -11.26 -5.51
CA VAL A 151 -0.38 -11.63 -4.67
C VAL A 151 -1.64 -11.89 -5.49
N ALA A 152 -1.95 -11.04 -6.46
CA ALA A 152 -3.21 -11.14 -7.18
C ALA A 152 -3.04 -11.54 -8.64
N GLY A 153 -1.81 -11.74 -9.10
CA GLY A 153 -1.58 -12.06 -10.49
C GLY A 153 -1.86 -10.93 -11.44
N LEU A 154 -1.98 -9.71 -10.94
CA LEU A 154 -2.38 -8.57 -11.75
C LEU A 154 -1.18 -7.75 -12.20
N THR A 155 -1.24 -7.30 -13.44
CA THR A 155 -0.30 -6.32 -13.98
C THR A 155 -1.10 -5.08 -14.34
N ARG A 156 -0.84 -3.99 -13.62
CA ARG A 156 -1.61 -2.76 -13.80
C ARG A 156 -1.00 -1.90 -14.89
N ASP A 160 -1.62 8.82 -16.81
CA ASP A 160 -0.75 7.79 -16.25
C ASP A 160 0.71 8.10 -16.60
N SER A 161 0.96 8.39 -17.86
CA SER A 161 2.32 8.68 -18.29
C SER A 161 2.69 10.13 -18.02
N ALA A 162 1.93 11.07 -18.62
CA ALA A 162 2.21 12.49 -18.43
C ALA A 162 2.28 12.86 -16.95
N VAL A 163 1.51 12.18 -16.11
CA VAL A 163 1.63 12.40 -14.67
C VAL A 163 2.99 11.93 -14.18
N GLN A 164 3.37 10.70 -14.56
CA GLN A 164 4.70 10.19 -14.22
C GLN A 164 5.79 11.05 -14.84
N THR A 165 5.54 11.60 -16.02
CA THR A 165 6.52 12.44 -16.70
C THR A 165 6.77 13.72 -15.93
N ALA A 166 5.71 14.39 -15.47
CA ALA A 166 5.90 15.59 -14.66
C ALA A 166 6.44 15.24 -13.27
N MET A 167 6.16 14.03 -12.79
CA MET A 167 6.44 13.67 -11.39
C MET A 167 7.88 13.23 -11.19
N THR A 168 8.24 12.07 -11.75
CA THR A 168 9.57 11.54 -11.53
C THR A 168 10.65 12.52 -11.99
N LEU A 169 10.42 13.17 -13.12
CA LEU A 169 11.41 14.06 -13.70
C LEU A 169 11.49 15.37 -12.92
N ARG A 172 8.58 20.88 -10.03
CA ARG A 172 7.15 21.15 -10.17
C ARG A 172 6.36 20.40 -9.11
N PRO A 173 5.49 21.10 -8.37
CA PRO A 173 4.63 20.41 -7.38
C PRO A 173 3.80 19.30 -7.98
N VAL A 174 3.39 19.43 -9.24
CA VAL A 174 2.56 18.45 -9.96
C VAL A 174 1.11 18.57 -9.51
N TRP A 175 0.85 18.27 -8.23
CA TRP A 175 -0.50 18.11 -7.70
C TRP A 175 -1.12 19.42 -7.24
N ASP A 176 -0.52 20.55 -7.59
CA ASP A 176 -1.09 21.84 -7.23
C ASP A 176 -2.10 22.37 -8.23
N ILE A 177 -2.11 21.86 -9.46
CA ILE A 177 -2.93 22.47 -10.50
C ILE A 177 -4.40 22.16 -10.23
N ARG A 178 -5.24 23.15 -10.48
CA ARG A 178 -6.69 22.98 -10.39
C ARG A 178 -7.34 23.65 -11.59
N PRO A 179 -8.32 22.98 -12.20
CA PRO A 179 -8.78 21.63 -11.92
C PRO A 179 -7.71 20.61 -12.27
N LEU A 180 -7.71 19.47 -11.58
CA LEU A 180 -6.83 18.37 -11.96
C LEU A 180 -7.37 17.71 -13.22
N PRO A 181 -6.54 17.51 -14.25
CA PRO A 181 -7.02 16.80 -15.43
C PRO A 181 -7.51 15.40 -15.08
N ASP A 182 -8.42 14.89 -15.92
CA ASP A 182 -8.98 13.57 -15.67
C ASP A 182 -7.92 12.51 -15.43
N HIS A 183 -6.85 12.51 -16.23
CA HIS A 183 -5.86 11.46 -16.09
C HIS A 183 -5.04 11.62 -14.81
N PHE A 184 -4.94 12.83 -14.26
CA PHE A 184 -4.37 12.97 -12.92
C PHE A 184 -5.29 12.35 -11.87
N LEU A 185 -6.59 12.60 -11.97
CA LEU A 185 -7.54 12.02 -11.02
C LEU A 185 -7.51 10.51 -11.08
N GLU A 186 -7.51 9.94 -12.27
CA GLU A 186 -7.50 8.49 -12.41
C GLU A 186 -6.20 7.91 -11.87
N TYR A 187 -5.09 8.57 -12.18
CA TYR A 187 -3.82 8.20 -11.58
C TYR A 187 -3.93 8.18 -10.07
N ALA A 188 -4.44 9.27 -9.47
CA ALA A 188 -4.61 9.30 -8.03
C ALA A 188 -5.55 8.21 -7.54
N ALA A 189 -6.52 7.80 -8.36
CA ALA A 189 -7.51 6.84 -7.88
C ALA A 189 -6.99 5.41 -7.84
N GLY A 190 -5.91 5.10 -8.56
CA GLY A 190 -5.56 3.72 -8.81
C GLY A 190 -5.14 2.95 -7.56
N ASP A 191 -4.29 3.56 -6.73
CA ASP A 191 -3.69 2.78 -5.65
C ASP A 191 -4.73 2.25 -4.66
N VAL A 192 -5.75 3.05 -4.30
CA VAL A 192 -6.65 2.56 -3.26
C VAL A 192 -7.51 1.42 -3.77
N ARG A 193 -7.83 1.41 -5.07
CA ARG A 193 -8.48 0.22 -5.64
C ARG A 193 -7.61 -1.01 -5.43
N HIS A 194 -6.32 -0.88 -5.74
CA HIS A 194 -5.39 -1.98 -5.58
C HIS A 194 -5.24 -2.38 -4.12
N ILE A 195 -5.22 -1.40 -3.21
CA ILE A 195 -5.13 -1.71 -1.80
C ILE A 195 -6.34 -2.51 -1.34
N LEU A 196 -7.54 -2.08 -1.74
CA LEU A 196 -8.73 -2.79 -1.26
C LEU A 196 -8.77 -4.20 -1.83
N LEU A 197 -8.42 -4.36 -3.10
CA LEU A 197 -8.48 -5.71 -3.65
C LEU A 197 -7.39 -6.58 -3.05
N LEU A 198 -6.22 -6.01 -2.76
CA LEU A 198 -5.16 -6.79 -2.13
C LEU A 198 -5.57 -7.27 -0.75
N SER A 199 -6.36 -6.47 -0.03
CA SER A 199 -6.80 -6.90 1.29
C SER A 199 -7.64 -8.16 1.21
N ASN A 200 -8.32 -8.38 0.09
CA ASN A 200 -9.11 -9.60 -0.06
C ASN A 200 -8.23 -10.83 -0.13
N TYR A 201 -7.01 -10.68 -0.63
CA TYR A 201 -6.11 -11.81 -0.71
C TYR A 201 -5.33 -12.02 0.57
N LEU A 202 -5.00 -10.95 1.29
CA LEU A 202 -4.08 -11.02 2.41
C LEU A 202 -4.76 -11.11 3.75
N VAL A 203 -5.95 -10.56 3.89
CA VAL A 203 -6.65 -10.44 5.17
C VAL A 203 -7.73 -11.51 5.23
N GLY A 204 -7.81 -12.19 6.37
CA GLY A 204 -8.81 -13.23 6.52
C GLY A 204 -8.63 -14.41 5.60
N ASN A 205 -7.45 -14.57 5.03
CA ASN A 205 -7.15 -15.72 4.17
C ASN A 205 -6.51 -16.78 5.06
N LYS A 206 -7.25 -17.85 5.32
CA LYS A 206 -6.76 -18.89 6.22
C LYS A 206 -5.38 -19.39 5.83
N ASP A 207 -5.05 -19.39 4.54
CA ASP A 207 -3.80 -19.97 4.06
C ASP A 207 -2.66 -18.95 3.92
N VAL A 208 -2.80 -17.73 4.45
CA VAL A 208 -1.68 -16.80 4.52
C VAL A 208 -0.95 -17.12 5.82
N PRO A 209 0.38 -17.27 5.82
CA PRO A 209 1.09 -17.81 7.00
C PRO A 209 1.47 -16.81 8.08
N VAL A 210 1.08 -15.54 7.95
CA VAL A 210 1.28 -14.54 8.99
C VAL A 210 -0.09 -14.07 9.47
N ASP A 211 -0.23 -13.90 10.78
CA ASP A 211 -1.49 -13.51 11.39
C ASP A 211 -1.77 -12.02 11.16
N VAL A 212 -3.02 -11.70 10.79
CA VAL A 212 -3.36 -10.30 10.55
C VAL A 212 -3.17 -9.48 11.82
N VAL A 213 -3.44 -10.05 12.99
CA VAL A 213 -3.28 -9.32 14.24
C VAL A 213 -1.83 -8.92 14.45
N ALA A 214 -0.91 -9.83 14.12
CA ALA A 214 0.52 -9.52 14.24
C ALA A 214 0.88 -8.34 13.37
N VAL A 215 0.39 -8.31 12.13
CA VAL A 215 0.72 -7.22 11.23
C VAL A 215 0.02 -5.93 11.67
N GLU A 216 -1.16 -6.06 12.27
CA GLU A 216 -1.82 -4.86 12.80
C GLU A 216 -0.96 -4.24 13.89
N ARG A 217 -0.41 -5.06 14.78
CA ARG A 217 0.43 -4.56 15.86
C ARG A 217 1.72 -3.95 15.29
N LEU A 218 2.29 -4.60 14.29
CA LEU A 218 3.49 -4.06 13.68
C LEU A 218 3.20 -2.74 12.99
N THR A 219 2.07 -2.67 12.27
CA THR A 219 1.67 -1.40 11.69
C THR A 219 1.44 -0.34 12.77
N ALA A 220 0.82 -0.71 13.89
CA ALA A 220 0.60 0.28 14.94
C ALA A 220 1.92 0.86 15.44
N GLN A 221 2.97 0.04 15.47
CA GLN A 221 4.29 0.55 15.85
C GLN A 221 4.77 1.61 14.84
N TYR A 222 4.55 1.37 13.55
CA TYR A 222 4.91 2.35 12.54
C TYR A 222 4.12 3.65 12.72
N VAL A 223 2.84 3.54 13.06
CA VAL A 223 2.05 4.75 13.26
C VAL A 223 2.54 5.50 14.49
N GLU A 224 2.90 4.77 15.55
CA GLU A 224 3.46 5.44 16.74
C GLU A 224 4.75 6.17 16.39
N HIS A 225 5.56 5.59 15.51
CA HIS A 225 6.85 6.18 15.17
C HIS A 225 6.68 7.42 14.30
N TYR A 226 5.73 7.38 13.35
CA TYR A 226 5.66 8.39 12.29
C TYR A 226 4.60 9.44 12.53
N ALA A 227 3.66 9.22 13.46
CA ALA A 227 2.60 10.17 13.76
C ALA A 227 2.90 10.82 15.10
N VAL A 228 3.83 11.79 15.07
CA VAL A 228 4.32 12.44 16.29
C VAL A 228 4.15 13.95 16.24
N GLY A 229 3.34 14.47 15.31
CA GLY A 229 3.03 15.88 15.33
C GLY A 229 4.10 16.80 14.80
N LYS A 230 5.17 16.25 14.22
CA LYS A 230 6.32 16.97 13.70
C LYS A 230 7.06 16.04 12.77
N PRO A 231 7.88 16.56 11.88
CA PRO A 231 8.62 15.65 11.00
C PRO A 231 9.47 14.67 11.82
N VAL A 232 9.52 13.44 11.32
CA VAL A 232 10.30 12.39 11.98
C VAL A 232 11.78 12.72 11.86
N ILE A 233 12.50 12.60 12.97
CA ILE A 233 13.94 12.86 12.97
C ILE A 233 14.69 11.64 12.46
N THR A 234 14.51 10.51 13.12
CA THR A 234 15.25 9.29 12.86
C THR A 234 14.27 8.27 12.28
N GLU A 235 14.57 7.76 11.10
CA GLU A 235 13.69 6.77 10.49
C GLU A 235 13.66 5.46 11.27
N ALA A 236 12.55 4.74 11.17
CA ALA A 236 12.45 3.46 11.86
C ALA A 236 13.16 2.35 11.10
N ASP A 237 13.32 2.52 9.80
CA ASP A 237 13.96 1.53 8.95
C ASP A 237 15.32 2.03 8.51
N ALA A 238 16.30 1.12 8.43
CA ALA A 238 17.67 1.55 8.17
C ALA A 238 17.84 2.17 6.78
N THR A 239 17.03 1.74 5.82
CA THR A 239 16.93 2.30 4.48
C THR A 239 15.48 2.30 4.09
N PRO A 240 15.06 3.19 3.16
CA PRO A 240 13.63 3.34 2.90
C PRO A 240 12.95 2.09 2.40
N ALA A 241 13.63 1.24 1.64
CA ALA A 241 12.97 0.10 1.04
C ALA A 241 13.15 -1.17 1.86
N GLU A 242 13.20 -1.06 3.19
CA GLU A 242 13.17 -2.25 4.03
C GLU A 242 12.31 -2.05 5.27
N VAL A 243 12.02 -3.17 5.93
CA VAL A 243 11.34 -3.19 7.22
C VAL A 243 12.35 -3.62 8.25
N ASN A 244 12.51 -2.79 9.28
CA ASN A 244 13.36 -3.04 10.44
C ASN A 244 13.31 -4.51 10.86
N ARG A 245 14.47 -5.20 10.82
CA ARG A 245 14.49 -6.62 11.20
C ARG A 245 14.14 -6.83 12.68
N ALA A 246 14.57 -5.93 13.56
CA ALA A 246 14.24 -6.11 14.97
C ALA A 246 12.73 -6.06 15.18
N TRP A 247 12.02 -5.16 14.49
CA TRP A 247 10.56 -5.14 14.63
C TRP A 247 9.95 -6.42 14.06
N LEU A 248 10.47 -6.93 12.95
CA LEU A 248 9.98 -8.18 12.40
C LEU A 248 10.16 -9.31 13.39
N GLU A 249 11.36 -9.40 13.98
CA GLU A 249 11.61 -10.44 14.99
C GLU A 249 10.61 -10.33 16.13
N ARG A 250 10.28 -9.11 16.55
CA ARG A 250 9.41 -8.90 17.71
C ARG A 250 7.96 -9.23 17.39
N TYR A 251 7.43 -8.68 16.29
CA TYR A 251 6.00 -8.79 16.01
C TYR A 251 5.63 -10.03 15.21
N ILE A 252 6.51 -10.50 14.34
CA ILE A 252 6.24 -11.65 13.49
C ILE A 252 6.90 -12.91 14.03
N GLY A 253 8.11 -12.80 14.55
CA GLY A 253 8.85 -13.96 15.00
C GLY A 253 10.12 -14.15 14.20
N PRO A 254 10.76 -15.31 14.36
CA PRO A 254 12.03 -15.56 13.68
C PRO A 254 11.83 -15.67 12.19
N GLY A 255 12.84 -15.23 11.44
CA GLY A 255 12.79 -15.33 10.02
C GLY A 255 13.08 -16.74 9.54
N GLY A 256 12.53 -17.06 8.37
CA GLY A 256 12.63 -18.40 7.82
C GLY A 256 13.78 -18.57 6.86
N GLY A 257 13.88 -19.77 6.32
CA GLY A 257 14.86 -20.07 5.31
C GLY A 257 14.49 -21.34 4.56
N CYS A 258 15.39 -21.74 3.68
CA CYS A 258 15.10 -22.85 2.78
C CYS A 258 15.21 -24.17 3.54
N HIS A 259 14.12 -24.92 3.58
CA HIS A 259 14.17 -26.20 4.29
C HIS A 259 15.13 -27.19 3.65
N PHE A 260 15.46 -27.02 2.36
CA PHE A 260 16.26 -28.03 1.68
C PHE A 260 17.76 -27.82 1.91
N CYS A 261 18.23 -26.57 1.80
CA CYS A 261 19.64 -26.27 1.94
C CYS A 261 19.95 -25.40 3.13
N GLY A 262 18.94 -24.84 3.79
CA GLY A 262 19.18 -24.06 4.99
C GLY A 262 19.50 -22.59 4.78
N ALA A 263 19.66 -22.15 3.54
CA ALA A 263 20.03 -20.76 3.29
C ALA A 263 18.84 -19.83 3.50
N LYS A 264 19.13 -18.63 3.98
CA LYS A 264 18.13 -17.59 4.00
C LYS A 264 17.99 -17.01 2.59
N GLY A 265 16.84 -16.39 2.32
CA GLY A 265 16.64 -15.68 1.08
C GLY A 265 15.76 -16.38 0.09
N HIS A 266 15.47 -17.67 0.27
CA HIS A 266 14.57 -18.36 -0.63
C HIS A 266 13.94 -19.54 0.10
N THR A 267 12.95 -20.15 -0.54
CA THR A 267 12.26 -21.30 0.01
C THR A 267 12.61 -22.55 -0.78
N GLU A 268 12.24 -23.68 -0.19
CA GLU A 268 12.48 -24.98 -0.80
C GLU A 268 11.94 -25.03 -2.22
N ALA A 269 10.77 -24.44 -2.46
CA ALA A 269 10.16 -24.51 -3.78
C ALA A 269 10.98 -23.79 -4.85
N GLU A 270 11.84 -22.86 -4.43
CA GLU A 270 12.67 -22.06 -5.30
C GLU A 270 14.14 -22.46 -5.29
N CYS A 271 14.51 -23.53 -4.58
CA CYS A 271 15.92 -23.81 -4.28
C CYS A 271 16.68 -24.30 -5.50
N PHE A 272 17.72 -23.57 -5.88
CA PHE A 272 18.58 -23.98 -6.98
C PHE A 272 19.27 -25.30 -6.67
N LYS A 273 19.61 -25.55 -5.41
CA LYS A 273 20.31 -26.79 -5.09
C LYS A 273 19.39 -27.99 -5.22
N LYS A 274 18.15 -27.88 -4.74
CA LYS A 274 17.22 -28.99 -4.87
C LYS A 274 16.88 -29.24 -6.34
N GLN A 275 16.80 -28.17 -7.12
CA GLN A 275 16.51 -28.30 -8.55
C GLN A 275 17.72 -28.80 -9.30
N ASN A 276 18.92 -28.53 -8.79
CA ASN A 276 20.14 -29.22 -9.21
C ASN A 276 20.30 -29.18 -10.73
N GLY A 277 20.04 -28.02 -11.32
CA GLY A 277 20.15 -27.87 -12.76
C GLY A 277 19.05 -28.50 -13.60
N LYS A 278 17.95 -28.94 -12.97
CA LYS A 278 16.91 -29.65 -13.70
C LYS A 278 15.58 -28.91 -13.78
N ALA A 279 15.43 -27.76 -13.14
CA ALA A 279 14.16 -27.06 -13.15
C ALA A 279 13.93 -26.36 -14.49
N LYS A 280 12.65 -26.15 -14.83
CA LYS A 280 12.31 -25.48 -16.07
C LYS A 280 11.13 -24.53 -15.83
N CYS A 281 11.04 -23.51 -16.68
CA CYS A 281 9.88 -22.61 -16.64
C CYS A 281 8.61 -23.42 -16.89
N SER A 282 7.65 -23.29 -15.99
CA SER A 282 6.42 -24.09 -16.13
C SER A 282 5.55 -23.62 -17.32
N PHE A 283 5.81 -22.42 -17.83
CA PHE A 283 5.08 -21.94 -19.00
C PHE A 283 5.72 -22.46 -20.29
N CYS A 284 6.92 -21.97 -20.62
CA CYS A 284 7.54 -22.28 -21.90
C CYS A 284 8.47 -23.47 -21.88
N GLY A 285 8.79 -23.98 -20.70
CA GLY A 285 9.52 -25.21 -20.57
C GLY A 285 11.03 -25.13 -20.64
N GLU A 286 11.62 -23.94 -20.77
CA GLU A 286 13.07 -23.90 -20.87
C GLU A 286 13.71 -23.69 -19.51
N VAL A 287 14.98 -24.05 -19.43
CA VAL A 287 15.77 -23.87 -18.21
C VAL A 287 16.24 -22.43 -18.17
N GLY A 288 16.37 -21.90 -16.95
CA GLY A 288 17.06 -20.64 -16.76
C GLY A 288 16.19 -19.51 -16.26
N HIS A 289 14.87 -19.71 -16.14
CA HIS A 289 13.98 -18.70 -15.58
C HIS A 289 12.71 -19.36 -15.06
N THR A 290 11.97 -18.62 -14.24
CA THR A 290 10.70 -19.08 -13.68
C THR A 290 9.52 -18.52 -14.48
N ALA A 291 8.38 -19.21 -14.34
CA ALA A 291 7.14 -18.74 -14.93
C ALA A 291 6.82 -17.30 -14.57
N ARG A 292 7.08 -16.90 -13.32
CA ARG A 292 6.78 -15.53 -12.89
C ARG A 292 7.56 -14.49 -13.69
N ASN A 293 8.71 -14.88 -14.24
CA ASN A 293 9.57 -13.97 -15.01
C ASN A 293 9.70 -14.40 -16.47
N CYS A 294 8.79 -15.26 -16.95
CA CYS A 294 8.85 -15.72 -18.32
C CYS A 294 8.44 -14.61 -19.28
N PHE A 295 9.31 -14.31 -20.25
CA PHE A 295 9.02 -13.30 -21.26
C PHE A 295 7.94 -13.74 -22.25
N LYS A 296 7.67 -15.03 -22.33
CA LYS A 296 6.60 -15.52 -23.22
C LYS A 296 5.26 -15.33 -22.54
N LYS A 297 5.19 -15.72 -21.29
CA LYS A 297 3.98 -15.55 -20.51
C LYS A 297 3.71 -14.08 -20.23
N HIS A 298 4.76 -13.29 -20.07
CA HIS A 298 4.66 -11.89 -19.65
C HIS A 298 5.53 -11.04 -20.56
N PRO A 299 5.09 -10.79 -21.80
CA PRO A 299 5.91 -10.02 -22.75
C PRO A 299 6.22 -8.60 -22.28
N GLN A 300 5.44 -8.05 -21.35
CA GLN A 300 5.75 -6.74 -20.78
C GLN A 300 7.09 -6.72 -20.04
N LEU A 301 7.65 -7.89 -19.74
CA LEU A 301 8.95 -7.95 -19.09
C LEU A 301 10.11 -7.85 -20.07
N LEU A 302 9.87 -8.01 -21.36
CA LEU A 302 10.92 -7.77 -22.36
C LEU A 302 11.38 -6.31 -22.25
#